data_2NUG
#
_entry.id   2NUG
#
_cell.length_a   95.4
_cell.length_b   119.9
_cell.length_c   58.9
_cell.angle_alpha   90.0
_cell.angle_beta   90.0
_cell.angle_gamma   90.0
#
_symmetry.space_group_name_H-M   'P 21 21 2'
#
loop_
_entity.id
_entity.type
_entity.pdbx_description
1 polymer "5'-R(P*AP*AP*GP*GP*UP*CP*AP*UP*UP*CP*G)-3'"
2 polymer "5'-R(P*AP*GP*UP*GP*GP*CP*CP*UP*UP*GP*C)-3'"
3 polymer 'Ribonuclease III'
4 non-polymer 'MAGNESIUM ION'
5 water water
#
loop_
_entity_poly.entity_id
_entity_poly.type
_entity_poly.pdbx_seq_one_letter_code
_entity_poly.pdbx_strand_id
1 'polyribonucleotide' AAGGUCAUUCG C,D
2 'polyribonucleotide' AGUGGCCUUGC E,F
3 'polypeptide(L)'
;MKMLEQLEKKLGYTFKDKSLLEKALTHVSYSKKEHYETLEFLGDALVNFFIVDLLVQYSPNKREGFLSPLKAYLISEEFF
NLLAQKLELHKFIRIKRGKINETIIGDVFEALWAAVYIDSGRDANFTRELFYKLFKEDILSAIKEGRVKKDYKTILQEIT
QKRWKERPEYRLISVEGPHHKKKFIVEAKIKEYRTLGEGKSKKEAEQRAAEELIKLLEESE
;
A,B
#
loop_
_chem_comp.id
_chem_comp.type
_chem_comp.name
_chem_comp.formula
A RNA linking ADENOSINE-5'-MONOPHOSPHATE 'C10 H14 N5 O7 P'
C RNA linking CYTIDINE-5'-MONOPHOSPHATE 'C9 H14 N3 O8 P'
G RNA linking GUANOSINE-5'-MONOPHOSPHATE 'C10 H14 N5 O8 P'
MG non-polymer 'MAGNESIUM ION' 'Mg 2'
U RNA linking URIDINE-5'-MONOPHOSPHATE 'C9 H13 N2 O9 P'
#
# COMPACT_ATOMS: atom_id res chain seq x y z
N MET E 3 -7.24 19.68 -25.91
CA MET E 3 -7.78 20.77 -25.05
C MET E 3 -8.44 20.21 -23.80
N LEU E 4 -8.24 20.90 -22.67
CA LEU E 4 -8.77 20.49 -21.39
C LEU E 4 -10.29 20.28 -21.34
N GLU E 5 -11.03 21.08 -22.09
CA GLU E 5 -12.49 20.97 -22.10
C GLU E 5 -12.96 19.59 -22.54
N GLN E 6 -12.26 19.02 -23.50
CA GLN E 6 -12.61 17.70 -24.00
C GLN E 6 -12.45 16.64 -22.93
N LEU E 7 -11.41 16.78 -22.11
CA LEU E 7 -11.18 15.82 -21.03
C LEU E 7 -12.25 15.99 -19.95
N GLU E 8 -12.59 17.24 -19.65
CA GLU E 8 -13.60 17.51 -18.64
C GLU E 8 -14.92 16.89 -19.07
N LYS E 9 -15.18 16.92 -20.37
CA LYS E 9 -16.42 16.34 -20.91
C LYS E 9 -16.43 14.83 -20.71
N LYS E 10 -15.28 14.20 -20.93
CA LYS E 10 -15.18 12.74 -20.77
C LYS E 10 -15.31 12.36 -19.30
N LEU E 11 -14.75 13.20 -18.43
CA LEU E 11 -14.80 12.97 -16.98
C LEU E 11 -16.18 13.26 -16.40
N GLY E 12 -16.87 14.22 -16.99
CA GLY E 12 -18.17 14.59 -16.49
C GLY E 12 -17.99 15.56 -15.34
N TYR E 13 -16.86 16.27 -15.35
CA TYR E 13 -16.57 17.25 -14.30
C TYR E 13 -15.81 18.45 -14.85
N THR E 14 -16.25 19.64 -14.47
CA THR E 14 -15.61 20.87 -14.91
C THR E 14 -14.82 21.44 -13.74
N PHE E 15 -13.53 21.66 -13.96
CA PHE E 15 -12.68 22.21 -12.91
C PHE E 15 -12.89 23.69 -12.65
N LYS E 16 -12.74 24.09 -11.39
CA LYS E 16 -12.85 25.50 -11.04
C LYS E 16 -11.45 26.05 -11.26
N ASP E 17 -10.44 25.32 -10.80
CA ASP E 17 -9.04 25.72 -10.96
C ASP E 17 -8.42 24.88 -12.06
N LYS E 18 -8.39 25.43 -13.28
CA LYS E 18 -7.84 24.72 -14.43
C LYS E 18 -6.37 24.34 -14.24
N SER E 19 -5.65 25.07 -13.41
CA SER E 19 -4.23 24.78 -13.20
C SER E 19 -4.02 23.45 -12.48
N LEU E 20 -5.04 23.04 -11.73
CA LEU E 20 -4.99 21.78 -10.99
C LEU E 20 -5.06 20.63 -11.99
N LEU E 21 -5.93 20.76 -12.97
CA LEU E 21 -6.08 19.74 -14.00
C LEU E 21 -4.80 19.70 -14.84
N GLU E 22 -4.28 20.87 -15.19
CA GLU E 22 -3.05 20.95 -15.99
C GLU E 22 -1.89 20.27 -15.28
N LYS E 23 -1.78 20.50 -13.98
CA LYS E 23 -0.71 19.90 -13.17
C LYS E 23 -0.79 18.37 -13.23
N ALA E 24 -1.99 17.83 -13.08
CA ALA E 24 -2.20 16.38 -13.11
C ALA E 24 -1.79 15.75 -14.43
N LEU E 25 -1.85 16.52 -15.51
CA LEU E 25 -1.50 16.01 -16.84
C LEU E 25 -0.06 16.28 -17.25
N THR E 26 0.67 17.05 -16.44
CA THR E 26 2.04 17.43 -16.77
C THR E 26 3.17 16.63 -16.12
N HIS E 27 4.03 16.04 -16.95
CA HIS E 27 5.17 15.26 -16.47
C HIS E 27 6.28 16.22 -16.01
N VAL E 28 7.01 15.83 -14.97
CA VAL E 28 8.07 16.65 -14.40
C VAL E 28 9.16 17.05 -15.41
N SER E 29 9.36 16.22 -16.43
CA SER E 29 10.36 16.50 -17.45
C SER E 29 9.88 17.66 -18.32
N TYR E 30 8.60 17.95 -18.25
CA TYR E 30 8.00 19.02 -19.02
C TYR E 30 7.92 20.31 -18.22
N SER E 31 7.81 20.16 -16.90
CA SER E 31 7.74 21.30 -16.00
C SER E 31 8.16 20.88 -14.59
N LYS E 32 9.17 21.56 -14.05
CA LYS E 32 9.67 21.23 -12.72
C LYS E 32 8.90 21.97 -11.63
N LYS E 33 8.06 22.92 -12.02
CA LYS E 33 7.28 23.67 -11.06
C LYS E 33 5.91 23.04 -10.84
N GLU E 34 5.17 22.88 -11.93
CA GLU E 34 3.83 22.30 -11.86
C GLU E 34 3.71 20.98 -12.60
N HIS E 35 3.91 19.88 -11.87
CA HIS E 35 3.80 18.55 -12.45
C HIS E 35 2.90 17.70 -11.54
N TYR E 36 2.65 16.48 -11.97
CA TYR E 36 1.74 15.59 -11.25
C TYR E 36 2.25 14.72 -10.11
N GLU E 37 3.55 14.76 -9.81
CA GLU E 37 4.09 13.87 -8.78
C GLU E 37 3.44 13.86 -7.40
N THR E 38 3.08 15.03 -6.85
CA THR E 38 2.46 15.06 -5.54
C THR E 38 1.00 14.62 -5.62
N LEU E 39 0.31 15.02 -6.68
CA LEU E 39 -1.08 14.62 -6.88
C LEU E 39 -1.13 13.09 -7.04
N GLU E 40 -0.12 12.54 -7.70
CA GLU E 40 -0.08 11.09 -7.91
C GLU E 40 0.02 10.36 -6.58
N PHE E 41 0.83 10.91 -5.68
CA PHE E 41 1.01 10.33 -4.36
C PHE E 41 -0.34 10.26 -3.65
N LEU E 42 -1.09 11.36 -3.69
CA LEU E 42 -2.40 11.40 -3.07
C LEU E 42 -3.41 10.53 -3.83
N GLY E 43 -3.33 10.58 -5.16
CA GLY E 43 -4.25 9.82 -6.01
C GLY E 43 -4.19 8.32 -5.80
N ASP E 44 -2.98 7.81 -5.58
CA ASP E 44 -2.79 6.39 -5.33
C ASP E 44 -3.63 5.98 -4.11
N ALA E 45 -3.51 6.73 -3.01
CA ALA E 45 -4.26 6.41 -1.80
C ALA E 45 -5.77 6.57 -1.97
N LEU E 46 -6.16 7.60 -2.71
CA LEU E 46 -7.57 7.88 -2.95
C LEU E 46 -8.22 6.78 -3.81
N VAL E 47 -7.62 6.50 -4.97
CA VAL E 47 -8.19 5.47 -5.84
C VAL E 47 -8.12 4.09 -5.20
N ASN E 48 -7.05 3.79 -4.47
CA ASN E 48 -6.97 2.48 -3.81
C ASN E 48 -8.17 2.34 -2.89
N PHE E 49 -8.50 3.41 -2.16
CA PHE E 49 -9.65 3.41 -1.27
C PHE E 49 -10.97 3.18 -2.07
N PHE E 50 -11.13 3.87 -3.20
CA PHE E 50 -12.34 3.70 -4.01
C PHE E 50 -12.52 2.24 -4.41
N ILE E 51 -11.43 1.62 -4.87
CA ILE E 51 -11.47 0.22 -5.31
C ILE E 51 -11.76 -0.75 -4.15
N VAL E 52 -11.05 -0.59 -3.05
CA VAL E 52 -11.25 -1.46 -1.91
C VAL E 52 -12.68 -1.35 -1.39
N ASP E 53 -13.22 -0.14 -1.35
CA ASP E 53 -14.57 0.06 -0.86
C ASP E 53 -15.56 -0.64 -1.77
N LEU E 54 -15.34 -0.53 -3.07
CA LEU E 54 -16.25 -1.17 -4.02
C LEU E 54 -16.20 -2.69 -3.85
N LEU E 55 -15.01 -3.23 -3.65
CA LEU E 55 -14.88 -4.68 -3.46
C LEU E 55 -15.63 -5.16 -2.23
N VAL E 56 -15.44 -4.47 -1.11
CA VAL E 56 -16.10 -4.86 0.13
C VAL E 56 -17.62 -4.66 0.05
N GLN E 57 -18.05 -3.59 -0.62
CA GLN E 57 -19.47 -3.31 -0.76
C GLN E 57 -20.21 -4.45 -1.46
N TYR E 58 -19.61 -5.02 -2.49
CA TYR E 58 -20.25 -6.11 -3.23
C TYR E 58 -19.91 -7.52 -2.78
N SER E 59 -19.15 -7.62 -1.68
CA SER E 59 -18.78 -8.91 -1.09
C SER E 59 -18.48 -8.66 0.38
N PRO E 60 -19.46 -8.10 1.11
CA PRO E 60 -19.35 -7.79 2.54
C PRO E 60 -18.94 -8.95 3.42
N ASN E 61 -19.31 -10.16 3.01
CA ASN E 61 -19.00 -11.35 3.81
C ASN E 61 -17.81 -12.16 3.31
N LYS E 62 -17.05 -11.60 2.38
CA LYS E 62 -15.88 -12.30 1.85
C LYS E 62 -14.63 -11.88 2.63
N ARG E 63 -13.72 -12.83 2.83
CA ARG E 63 -12.49 -12.56 3.57
C ARG E 63 -11.43 -11.82 2.75
N GLU E 64 -10.42 -11.32 3.46
CA GLU E 64 -9.32 -10.59 2.87
C GLU E 64 -8.56 -11.44 1.85
N GLY E 65 -8.55 -12.75 2.08
CA GLY E 65 -7.85 -13.66 1.19
C GLY E 65 -8.52 -13.79 -0.16
N PHE E 66 -9.80 -13.43 -0.23
CA PHE E 66 -10.54 -13.49 -1.48
C PHE E 66 -10.49 -12.13 -2.16
N LEU E 67 -10.69 -11.08 -1.38
CA LEU E 67 -10.70 -9.71 -1.89
C LEU E 67 -9.35 -9.09 -2.24
N SER E 68 -8.32 -9.42 -1.47
CA SER E 68 -7.01 -8.82 -1.73
C SER E 68 -6.41 -9.17 -3.08
N PRO E 69 -6.55 -10.44 -3.53
CA PRO E 69 -6.00 -10.80 -4.83
C PRO E 69 -6.66 -9.98 -5.94
N LEU E 70 -7.95 -9.70 -5.77
CA LEU E 70 -8.68 -8.90 -6.73
C LEU E 70 -8.15 -7.47 -6.69
N LYS E 71 -8.04 -6.93 -5.49
CA LYS E 71 -7.52 -5.58 -5.27
C LYS E 71 -6.13 -5.43 -5.91
N ALA E 72 -5.28 -6.42 -5.68
CA ALA E 72 -3.90 -6.39 -6.17
C ALA E 72 -3.81 -6.12 -7.66
N TYR E 73 -4.79 -6.63 -8.42
CA TYR E 73 -4.79 -6.38 -9.86
C TYR E 73 -5.52 -5.09 -10.20
N LEU E 74 -6.64 -4.85 -9.54
CA LEU E 74 -7.46 -3.68 -9.81
C LEU E 74 -6.83 -2.32 -9.45
N ILE E 75 -5.79 -2.32 -8.62
CA ILE E 75 -5.14 -1.05 -8.29
C ILE E 75 -3.78 -1.00 -8.98
N SER E 76 -3.53 -1.97 -9.86
CA SER E 76 -2.26 -2.06 -10.58
C SER E 76 -2.16 -1.07 -11.73
N GLU E 77 -0.92 -0.73 -12.08
CA GLU E 77 -0.66 0.18 -13.18
C GLU E 77 -1.32 -0.36 -14.45
N GLU E 78 -1.24 -1.66 -14.65
CA GLU E 78 -1.84 -2.24 -15.85
C GLU E 78 -3.34 -1.99 -15.92
N PHE E 79 -4.05 -2.23 -14.83
CA PHE E 79 -5.49 -2.01 -14.86
C PHE E 79 -5.81 -0.53 -15.02
N PHE E 80 -5.03 0.34 -14.40
CA PHE E 80 -5.30 1.77 -14.53
C PHE E 80 -5.12 2.21 -15.98
N ASN E 81 -4.20 1.57 -16.70
CA ASN E 81 -4.02 1.93 -18.10
C ASN E 81 -5.26 1.56 -18.89
N LEU E 82 -5.90 0.45 -18.51
CA LEU E 82 -7.11 0.02 -19.20
C LEU E 82 -8.25 1.01 -18.91
N LEU E 83 -8.37 1.46 -17.66
CA LEU E 83 -9.42 2.41 -17.31
C LEU E 83 -9.15 3.74 -17.99
N ALA E 84 -7.88 4.12 -18.08
CA ALA E 84 -7.48 5.38 -18.69
C ALA E 84 -7.87 5.47 -20.17
N GLN E 85 -7.88 4.33 -20.85
CA GLN E 85 -8.23 4.30 -22.27
C GLN E 85 -9.59 4.94 -22.50
N LYS E 86 -10.52 4.68 -21.59
CA LYS E 86 -11.87 5.23 -21.69
C LYS E 86 -11.84 6.76 -21.72
N LEU E 87 -10.75 7.34 -21.23
CA LEU E 87 -10.62 8.79 -21.20
C LEU E 87 -9.64 9.28 -22.27
N GLU E 88 -9.08 8.35 -23.05
CA GLU E 88 -8.09 8.71 -24.08
C GLU E 88 -7.07 9.60 -23.39
N LEU E 89 -6.82 9.30 -22.13
CA LEU E 89 -5.91 10.08 -21.31
C LEU E 89 -4.58 10.42 -21.99
N HIS E 90 -4.04 9.46 -22.75
CA HIS E 90 -2.77 9.68 -23.43
C HIS E 90 -2.71 10.93 -24.31
N LYS E 91 -3.85 11.33 -24.87
CA LYS E 91 -3.86 12.50 -25.74
C LYS E 91 -3.88 13.85 -25.01
N PHE E 92 -3.96 13.82 -23.68
CA PHE E 92 -4.01 15.05 -22.90
C PHE E 92 -2.75 15.28 -22.07
N ILE E 93 -1.91 14.27 -21.99
CA ILE E 93 -0.69 14.34 -21.19
C ILE E 93 0.35 15.29 -21.79
N ARG E 94 0.87 16.18 -20.96
CA ARG E 94 1.88 17.14 -21.40
C ARG E 94 3.27 16.59 -21.10
N ILE E 95 3.90 16.10 -22.15
CA ILE E 95 5.23 15.52 -22.06
C ILE E 95 5.76 15.42 -23.48
N LYS E 96 7.08 15.39 -23.64
CA LYS E 96 7.69 15.31 -24.97
C LYS E 96 7.05 14.20 -25.80
N ARG E 97 6.80 14.51 -27.07
CA ARG E 97 6.20 13.55 -27.99
C ARG E 97 7.00 12.24 -28.03
N GLY E 98 6.29 11.13 -27.88
CA GLY E 98 6.94 9.82 -27.91
C GLY E 98 7.53 9.37 -26.60
N LYS E 99 7.35 10.15 -25.54
CA LYS E 99 7.91 9.80 -24.23
C LYS E 99 6.88 9.11 -23.33
N ILE E 100 5.62 9.09 -23.78
CA ILE E 100 4.55 8.47 -23.01
C ILE E 100 4.62 6.94 -23.00
N ASN E 101 4.50 6.34 -21.81
CA ASN E 101 4.50 4.89 -21.66
C ASN E 101 3.46 4.53 -20.61
N GLU E 102 3.33 3.24 -20.30
CA GLU E 102 2.33 2.81 -19.33
C GLU E 102 2.54 3.35 -17.93
N THR E 103 3.80 3.57 -17.56
CA THR E 103 4.12 4.10 -16.23
C THR E 103 3.52 5.51 -16.11
N ILE E 104 3.76 6.33 -17.13
CA ILE E 104 3.28 7.71 -17.15
C ILE E 104 1.75 7.74 -17.14
N ILE E 105 1.13 6.95 -18.00
CA ILE E 105 -0.34 6.91 -18.05
C ILE E 105 -0.94 6.50 -16.70
N GLY E 106 -0.33 5.51 -16.06
CA GLY E 106 -0.82 5.06 -14.77
C GLY E 106 -0.67 6.13 -13.70
N ASP E 107 0.42 6.87 -13.76
CA ASP E 107 0.65 7.93 -12.77
C ASP E 107 -0.30 9.09 -12.96
N VAL E 108 -0.54 9.47 -14.22
CA VAL E 108 -1.45 10.57 -14.53
C VAL E 108 -2.88 10.20 -14.12
N PHE E 109 -3.24 8.93 -14.31
CA PHE E 109 -4.58 8.48 -13.94
C PHE E 109 -4.80 8.73 -12.45
N GLU E 110 -3.82 8.35 -11.62
CA GLU E 110 -3.96 8.58 -10.19
C GLU E 110 -3.98 10.07 -9.87
N ALA E 111 -3.11 10.84 -10.49
CA ALA E 111 -3.04 12.29 -10.26
C ALA E 111 -4.33 12.98 -10.64
N LEU E 112 -4.94 12.54 -11.74
CA LEU E 112 -6.18 13.13 -12.21
C LEU E 112 -7.27 13.04 -11.16
N TRP E 113 -7.35 11.89 -10.49
CA TRP E 113 -8.38 11.73 -9.47
C TRP E 113 -8.09 12.55 -8.22
N ALA E 114 -6.82 12.73 -7.89
CA ALA E 114 -6.47 13.56 -6.74
C ALA E 114 -6.85 15.00 -7.09
N ALA E 115 -6.68 15.36 -8.37
CA ALA E 115 -7.01 16.70 -8.83
C ALA E 115 -8.50 17.00 -8.71
N VAL E 116 -9.33 16.03 -9.09
CA VAL E 116 -10.78 16.20 -8.98
C VAL E 116 -11.14 16.33 -7.50
N TYR E 117 -10.54 15.46 -6.69
CA TYR E 117 -10.80 15.47 -5.26
C TYR E 117 -10.47 16.83 -4.67
N ILE E 118 -9.29 17.36 -4.96
CA ILE E 118 -8.90 18.66 -4.43
C ILE E 118 -9.77 19.80 -4.98
N ASP E 119 -9.97 19.80 -6.30
CA ASP E 119 -10.75 20.86 -6.92
C ASP E 119 -12.19 20.92 -6.44
N SER E 120 -12.73 19.76 -6.06
CA SER E 120 -14.12 19.70 -5.60
C SER E 120 -14.24 20.15 -4.14
N GLY E 121 -13.14 20.60 -3.56
CA GLY E 121 -13.15 21.03 -2.17
C GLY E 121 -12.90 19.83 -1.26
N ARG E 122 -12.08 18.90 -1.74
CA ARG E 122 -11.78 17.68 -1.02
C ARG E 122 -13.04 16.94 -0.64
N ASP E 123 -13.90 16.75 -1.64
CA ASP E 123 -15.15 16.03 -1.45
C ASP E 123 -14.90 14.58 -1.83
N ALA E 124 -14.54 13.77 -0.84
CA ALA E 124 -14.26 12.35 -1.10
C ALA E 124 -15.49 11.61 -1.60
N ASN E 125 -16.66 11.90 -1.04
CA ASN E 125 -17.88 11.22 -1.46
C ASN E 125 -18.19 11.51 -2.92
N PHE E 126 -18.09 12.79 -3.30
CA PHE E 126 -18.35 13.19 -4.67
C PHE E 126 -17.40 12.50 -5.64
N THR E 127 -16.12 12.57 -5.33
CA THR E 127 -15.11 11.99 -6.20
C THR E 127 -15.26 10.48 -6.34
N ARG E 128 -15.59 9.81 -5.23
CA ARG E 128 -15.78 8.36 -5.26
C ARG E 128 -16.93 8.00 -6.19
N GLU E 129 -18.03 8.73 -6.07
CA GLU E 129 -19.19 8.44 -6.91
C GLU E 129 -18.95 8.78 -8.39
N LEU E 130 -18.15 9.80 -8.65
CA LEU E 130 -17.85 10.16 -10.03
C LEU E 130 -17.00 9.04 -10.62
N PHE E 131 -16.05 8.54 -9.83
CA PHE E 131 -15.16 7.46 -10.25
C PHE E 131 -16.02 6.23 -10.57
N TYR E 132 -16.99 5.93 -9.71
CA TYR E 132 -17.87 4.78 -9.95
C TYR E 132 -18.76 5.00 -11.16
N LYS E 133 -19.24 6.22 -11.35
CA LYS E 133 -20.10 6.49 -12.50
C LYS E 133 -19.37 6.07 -13.77
N LEU E 134 -18.07 6.34 -13.81
CA LEU E 134 -17.25 6.01 -14.95
C LEU E 134 -16.73 4.59 -15.02
N PHE E 135 -16.32 4.03 -13.88
CA PHE E 135 -15.69 2.72 -13.87
C PHE E 135 -16.28 1.56 -13.07
N LYS E 136 -17.29 1.82 -12.25
CA LYS E 136 -17.86 0.77 -11.44
C LYS E 136 -18.25 -0.47 -12.24
N GLU E 137 -19.03 -0.28 -13.31
CA GLU E 137 -19.45 -1.42 -14.12
C GLU E 137 -18.26 -2.09 -14.82
N ASP E 138 -17.28 -1.32 -15.26
CA ASP E 138 -16.10 -1.89 -15.90
C ASP E 138 -15.35 -2.80 -14.93
N ILE E 139 -15.21 -2.35 -13.69
CA ILE E 139 -14.50 -3.11 -12.67
C ILE E 139 -15.25 -4.40 -12.33
N LEU E 140 -16.54 -4.29 -12.05
CA LEU E 140 -17.34 -5.47 -11.72
C LEU E 140 -17.37 -6.46 -12.87
N SER E 141 -17.45 -5.96 -14.09
CA SER E 141 -17.50 -6.83 -15.26
C SER E 141 -16.17 -7.54 -15.48
N ALA E 142 -15.07 -6.83 -15.25
CA ALA E 142 -13.75 -7.44 -15.41
C ALA E 142 -13.64 -8.62 -14.46
N ILE E 143 -14.22 -8.46 -13.28
CA ILE E 143 -14.18 -9.53 -12.28
C ILE E 143 -15.04 -10.70 -12.72
N LYS E 144 -16.31 -10.43 -12.99
CA LYS E 144 -17.26 -11.47 -13.40
C LYS E 144 -16.88 -12.20 -14.68
N GLU E 145 -16.30 -11.48 -15.63
CA GLU E 145 -15.93 -12.07 -16.92
C GLU E 145 -14.53 -12.67 -16.97
N GLY E 146 -13.90 -12.82 -15.80
CA GLY E 146 -12.58 -13.42 -15.72
C GLY E 146 -11.39 -12.67 -16.31
N ARG E 147 -11.44 -11.34 -16.35
CA ARG E 147 -10.32 -10.58 -16.91
C ARG E 147 -9.32 -10.13 -15.86
N VAL E 148 -9.52 -10.54 -14.61
CA VAL E 148 -8.57 -10.19 -13.56
C VAL E 148 -7.38 -11.12 -13.75
N LYS E 149 -6.19 -10.55 -13.90
CA LYS E 149 -5.02 -11.37 -14.12
C LYS E 149 -4.60 -12.19 -12.90
N LYS E 150 -4.09 -13.38 -13.18
CA LYS E 150 -3.65 -14.29 -12.13
C LYS E 150 -2.19 -14.07 -11.77
N ASP E 151 -1.84 -14.39 -10.53
CA ASP E 151 -0.48 -14.27 -10.04
C ASP E 151 0.13 -15.67 -10.21
N TYR E 152 0.67 -15.93 -11.39
CA TYR E 152 1.24 -17.23 -11.70
C TYR E 152 2.43 -17.68 -10.85
N LYS E 153 3.30 -16.77 -10.46
CA LYS E 153 4.43 -17.17 -9.64
C LYS E 153 3.96 -17.70 -8.29
N THR E 154 2.98 -17.03 -7.68
CA THR E 154 2.46 -17.47 -6.39
C THR E 154 1.68 -18.77 -6.55
N ILE E 155 0.81 -18.82 -7.55
CA ILE E 155 0.01 -20.02 -7.80
C ILE E 155 0.94 -21.22 -8.00
N LEU E 156 1.98 -21.02 -8.79
CA LEU E 156 2.92 -22.11 -9.06
C LEU E 156 3.60 -22.66 -7.81
N GLN E 157 4.11 -21.78 -6.95
CA GLN E 157 4.77 -22.31 -5.76
C GLN E 157 3.80 -22.97 -4.80
N GLU E 158 2.52 -22.61 -4.87
CA GLU E 158 1.54 -23.24 -4.01
C GLU E 158 1.29 -24.65 -4.54
N ILE E 159 1.34 -24.81 -5.86
CA ILE E 159 1.15 -26.11 -6.48
C ILE E 159 2.32 -27.02 -6.11
N THR E 160 3.55 -26.51 -6.29
CA THR E 160 4.74 -27.31 -6.00
C THR E 160 4.94 -27.55 -4.51
N GLN E 161 4.57 -26.59 -3.67
CA GLN E 161 4.74 -26.76 -2.23
C GLN E 161 3.74 -27.77 -1.68
N LYS E 162 2.56 -27.84 -2.28
CA LYS E 162 1.54 -28.78 -1.84
C LYS E 162 1.93 -30.20 -2.25
N ARG E 163 2.42 -30.33 -3.48
CA ARG E 163 2.81 -31.63 -4.02
C ARG E 163 4.15 -32.15 -3.53
N TRP E 164 5.16 -31.28 -3.49
CA TRP E 164 6.51 -31.70 -3.08
C TRP E 164 7.12 -30.95 -1.90
N LYS E 165 6.41 -29.97 -1.36
CA LYS E 165 6.95 -29.18 -0.24
C LYS E 165 8.23 -28.50 -0.72
N GLU E 166 8.26 -28.15 -2.00
CA GLU E 166 9.42 -27.46 -2.59
C GLU E 166 8.94 -26.30 -3.44
N ARG E 167 9.82 -25.33 -3.64
CA ARG E 167 9.49 -24.16 -4.46
C ARG E 167 10.23 -24.25 -5.78
N PRO E 168 9.66 -23.66 -6.84
CA PRO E 168 10.31 -23.70 -8.16
C PRO E 168 11.56 -22.82 -8.17
N GLU E 169 12.40 -23.02 -9.17
CA GLU E 169 13.62 -22.26 -9.31
C GLU E 169 13.60 -21.54 -10.66
N TYR E 170 14.17 -20.34 -10.69
CA TYR E 170 14.21 -19.55 -11.90
C TYR E 170 15.67 -19.17 -12.19
N ARG E 171 16.04 -19.20 -13.47
CA ARG E 171 17.40 -18.82 -13.84
C ARG E 171 17.37 -18.10 -15.17
N LEU E 172 18.32 -17.19 -15.36
CA LEU E 172 18.40 -16.40 -16.58
C LEU E 172 19.03 -17.24 -17.69
N ILE E 173 18.40 -17.23 -18.86
CA ILE E 173 18.93 -17.98 -19.99
C ILE E 173 19.64 -17.04 -20.96
N SER E 174 19.03 -15.88 -21.21
CA SER E 174 19.62 -14.91 -22.12
C SER E 174 19.04 -13.52 -21.93
N VAL E 175 19.83 -12.51 -22.33
CA VAL E 175 19.44 -11.10 -22.25
C VAL E 175 19.94 -10.45 -23.52
N GLU E 176 19.07 -9.71 -24.20
CA GLU E 176 19.46 -9.06 -25.45
C GLU E 176 18.85 -7.67 -25.60
N GLY E 177 19.30 -6.94 -26.62
CA GLY E 177 18.79 -5.61 -26.88
C GLY E 177 19.55 -4.54 -26.12
N PRO E 178 19.26 -3.25 -26.40
CA PRO E 178 19.94 -2.15 -25.71
C PRO E 178 19.69 -2.27 -24.20
N HIS E 179 20.59 -1.72 -23.39
CA HIS E 179 20.44 -1.80 -21.94
C HIS E 179 19.17 -1.13 -21.41
N HIS E 180 18.69 -0.12 -22.13
CA HIS E 180 17.48 0.60 -21.72
C HIS E 180 16.24 -0.02 -22.35
N LYS E 181 16.43 -1.12 -23.07
CA LYS E 181 15.33 -1.82 -23.72
C LYS E 181 15.67 -3.31 -23.81
N LYS E 182 16.07 -3.88 -22.69
CA LYS E 182 16.44 -5.30 -22.65
C LYS E 182 15.26 -6.25 -22.76
N LYS E 183 15.55 -7.46 -23.23
CA LYS E 183 14.56 -8.51 -23.36
C LYS E 183 15.17 -9.70 -22.64
N PHE E 184 14.46 -10.22 -21.64
CA PHE E 184 14.97 -11.35 -20.87
C PHE E 184 14.26 -12.67 -21.20
N ILE E 185 15.03 -13.75 -21.15
CA ILE E 185 14.48 -15.08 -21.35
C ILE E 185 14.92 -15.84 -20.13
N VAL E 186 13.95 -16.37 -19.38
CA VAL E 186 14.26 -17.12 -18.17
C VAL E 186 13.64 -18.50 -18.21
N GLU E 187 14.16 -19.38 -17.37
CA GLU E 187 13.64 -20.73 -17.28
C GLU E 187 13.10 -21.00 -15.89
N ALA E 188 11.92 -21.61 -15.84
CA ALA E 188 11.29 -21.97 -14.58
C ALA E 188 11.43 -23.47 -14.45
N LYS E 189 11.69 -23.97 -13.25
CA LYS E 189 11.85 -25.41 -13.08
C LYS E 189 11.38 -25.95 -11.73
N ILE E 190 10.88 -27.17 -11.77
CA ILE E 190 10.43 -27.89 -10.58
C ILE E 190 10.60 -29.36 -10.93
N LYS E 191 11.34 -30.09 -10.10
CA LYS E 191 11.60 -31.49 -10.36
C LYS E 191 12.21 -31.59 -11.76
N GLU E 192 11.66 -32.43 -12.62
CA GLU E 192 12.22 -32.59 -13.97
C GLU E 192 11.50 -31.73 -15.02
N TYR E 193 10.58 -30.87 -14.59
CA TYR E 193 9.83 -30.02 -15.50
C TYR E 193 10.49 -28.64 -15.67
N ARG E 194 10.66 -28.21 -16.91
CA ARG E 194 11.28 -26.93 -17.21
C ARG E 194 10.52 -26.19 -18.30
N THR E 195 10.42 -24.87 -18.17
CA THR E 195 9.73 -24.05 -19.17
C THR E 195 10.45 -22.72 -19.35
N LEU E 196 10.15 -22.04 -20.44
CA LEU E 196 10.77 -20.76 -20.75
C LEU E 196 9.75 -19.62 -20.75
N GLY E 197 10.22 -18.42 -20.51
CA GLY E 197 9.37 -17.25 -20.49
C GLY E 197 10.20 -16.05 -20.89
N GLU E 198 9.58 -15.06 -21.52
CA GLU E 198 10.29 -13.86 -21.96
C GLU E 198 9.56 -12.61 -21.47
N GLY E 199 10.30 -11.51 -21.32
CA GLY E 199 9.70 -10.27 -20.87
C GLY E 199 10.67 -9.10 -20.83
N LYS E 200 10.18 -7.93 -20.44
CA LYS E 200 11.00 -6.72 -20.37
C LYS E 200 11.73 -6.58 -19.03
N SER E 201 11.46 -7.52 -18.12
CA SER E 201 12.11 -7.52 -16.82
C SER E 201 12.22 -8.99 -16.44
N LYS E 202 13.09 -9.32 -15.51
CA LYS E 202 13.22 -10.71 -15.11
C LYS E 202 11.94 -11.21 -14.46
N LYS E 203 11.29 -10.37 -13.66
CA LYS E 203 10.05 -10.77 -13.00
C LYS E 203 8.97 -11.10 -14.04
N GLU E 204 8.83 -10.24 -15.05
CA GLU E 204 7.83 -10.47 -16.08
C GLU E 204 8.11 -11.78 -16.80
N ALA E 205 9.38 -12.02 -17.13
CA ALA E 205 9.75 -13.26 -17.81
C ALA E 205 9.45 -14.48 -16.92
N GLU E 206 9.67 -14.32 -15.61
CA GLU E 206 9.41 -15.40 -14.67
C GLU E 206 7.92 -15.68 -14.55
N GLN E 207 7.11 -14.62 -14.61
CA GLN E 207 5.66 -14.80 -14.51
C GLN E 207 5.16 -15.56 -15.73
N ARG E 208 5.75 -15.28 -16.88
CA ARG E 208 5.37 -15.95 -18.12
C ARG E 208 5.78 -17.42 -18.08
N ALA E 209 6.98 -17.69 -17.59
CA ALA E 209 7.49 -19.05 -17.48
C ALA E 209 6.65 -19.85 -16.49
N ALA E 210 6.29 -19.20 -15.37
CA ALA E 210 5.49 -19.87 -14.36
C ALA E 210 4.12 -20.24 -14.95
N GLU E 211 3.55 -19.34 -15.73
CA GLU E 211 2.25 -19.58 -16.36
C GLU E 211 2.31 -20.84 -17.22
N GLU E 212 3.43 -21.03 -17.91
CA GLU E 212 3.63 -22.19 -18.77
C GLU E 212 3.89 -23.45 -17.95
N LEU E 213 4.74 -23.33 -16.94
CA LEU E 213 5.06 -24.48 -16.11
C LEU E 213 3.81 -25.04 -15.46
N ILE E 214 2.89 -24.18 -15.06
CA ILE E 214 1.64 -24.62 -14.43
C ILE E 214 0.89 -25.51 -15.42
N LYS E 215 0.74 -25.04 -16.65
CA LYS E 215 0.06 -25.80 -17.69
C LYS E 215 0.72 -27.16 -17.89
N LEU E 216 2.05 -27.17 -17.94
CA LEU E 216 2.81 -28.39 -18.13
C LEU E 216 2.51 -29.40 -17.03
N LEU E 217 2.50 -28.92 -15.78
CA LEU E 217 2.22 -29.79 -14.64
C LEU E 217 0.82 -30.40 -14.75
N GLU E 218 -0.03 -29.78 -15.55
CA GLU E 218 -1.39 -30.25 -15.75
C GLU E 218 -1.50 -31.07 -17.03
N MET F 3 -20.65 -1.00 27.94
CA MET F 3 -19.24 -0.51 27.90
C MET F 3 -18.92 0.12 26.55
N LEU F 4 -19.62 -0.32 25.50
CA LEU F 4 -19.40 0.23 24.17
C LEU F 4 -19.64 1.73 24.19
N GLU F 5 -20.61 2.15 24.99
CA GLU F 5 -20.95 3.57 25.11
C GLU F 5 -19.73 4.39 25.50
N GLN F 6 -18.85 3.79 26.31
CA GLN F 6 -17.65 4.50 26.75
C GLN F 6 -16.72 4.75 25.56
N LEU F 7 -16.65 3.79 24.64
CA LEU F 7 -15.80 3.95 23.47
C LEU F 7 -16.40 5.00 22.54
N GLU F 8 -17.72 4.98 22.38
CA GLU F 8 -18.40 5.93 21.53
C GLU F 8 -18.13 7.34 22.06
N LYS F 9 -18.07 7.48 23.38
CA LYS F 9 -17.82 8.78 23.98
C LYS F 9 -16.41 9.25 23.65
N LYS F 10 -15.45 8.33 23.69
CA LYS F 10 -14.06 8.68 23.37
C LYS F 10 -13.93 9.04 21.89
N LEU F 11 -14.67 8.33 21.04
CA LEU F 11 -14.63 8.58 19.61
C LEU F 11 -15.38 9.85 19.22
N GLY F 12 -16.43 10.17 19.98
CA GLY F 12 -17.22 11.35 19.67
C GLY F 12 -18.22 10.97 18.59
N TYR F 13 -18.58 9.69 18.55
CA TYR F 13 -19.52 9.18 17.57
C TYR F 13 -20.39 8.07 18.14
N THR F 14 -21.70 8.17 17.92
CA THR F 14 -22.63 7.16 18.39
C THR F 14 -23.08 6.33 17.20
N PHE F 15 -22.89 5.01 17.29
CA PHE F 15 -23.28 4.11 16.21
C PHE F 15 -24.79 3.89 16.11
N LYS F 16 -25.28 3.74 14.89
CA LYS F 16 -26.69 3.48 14.66
C LYS F 16 -26.82 1.96 14.77
N ASP F 17 -25.87 1.25 14.16
CA ASP F 17 -25.85 -0.20 14.20
C ASP F 17 -24.72 -0.66 15.12
N LYS F 18 -25.07 -0.94 16.37
CA LYS F 18 -24.11 -1.36 17.37
C LYS F 18 -23.34 -2.61 16.99
N SER F 19 -23.95 -3.46 16.15
CA SER F 19 -23.30 -4.70 15.73
C SER F 19 -22.05 -4.42 14.88
N LEU F 20 -22.05 -3.28 14.20
CA LEU F 20 -20.91 -2.89 13.37
C LEU F 20 -19.72 -2.59 14.27
N LEU F 21 -19.98 -1.86 15.35
CA LEU F 21 -18.91 -1.52 16.30
C LEU F 21 -18.41 -2.78 16.97
N GLU F 22 -19.33 -3.66 17.35
CA GLU F 22 -18.97 -4.90 18.00
C GLU F 22 -18.07 -5.74 17.09
N LYS F 23 -18.42 -5.80 15.82
CA LYS F 23 -17.64 -6.56 14.84
C LYS F 23 -16.20 -6.05 14.78
N ALA F 24 -16.05 -4.74 14.72
CA ALA F 24 -14.72 -4.12 14.63
C ALA F 24 -13.84 -4.43 15.84
N LEU F 25 -14.47 -4.68 16.98
CA LEU F 25 -13.72 -4.97 18.21
C LEU F 25 -13.51 -6.45 18.48
N THR F 26 -14.11 -7.30 17.67
CA THR F 26 -14.03 -8.75 17.88
C THR F 26 -13.05 -9.53 17.02
N HIS F 27 -12.13 -10.23 17.68
CA HIS F 27 -11.14 -11.05 16.99
C HIS F 27 -11.78 -12.36 16.52
N VAL F 28 -11.33 -12.84 15.37
CA VAL F 28 -11.86 -14.06 14.77
C VAL F 28 -11.81 -15.29 15.69
N SER F 29 -10.84 -15.31 16.60
CA SER F 29 -10.70 -16.44 17.52
C SER F 29 -11.84 -16.41 18.53
N TYR F 30 -12.50 -15.26 18.64
CA TYR F 30 -13.59 -15.07 19.58
C TYR F 30 -14.94 -15.33 18.91
N SER F 31 -14.99 -15.06 17.61
CA SER F 31 -16.20 -15.27 16.81
C SER F 31 -15.84 -15.42 15.35
N LYS F 32 -16.25 -16.54 14.75
CA LYS F 32 -15.96 -16.79 13.36
C LYS F 32 -17.02 -16.22 12.42
N LYS F 33 -18.11 -15.72 13.00
CA LYS F 33 -19.18 -15.14 12.21
C LYS F 33 -19.01 -13.63 12.09
N GLU F 34 -18.93 -12.96 13.24
CA GLU F 34 -18.77 -11.52 13.26
C GLU F 34 -17.46 -11.08 13.89
N HIS F 35 -16.46 -10.87 13.04
CA HIS F 35 -15.14 -10.43 13.47
C HIS F 35 -14.72 -9.24 12.64
N TYR F 36 -13.56 -8.66 12.95
CA TYR F 36 -13.09 -7.46 12.27
C TYR F 36 -12.26 -7.60 10.99
N GLU F 37 -11.96 -8.82 10.57
CA GLU F 37 -11.10 -8.99 9.39
C GLU F 37 -11.44 -8.25 8.11
N THR F 38 -12.70 -8.22 7.71
CA THR F 38 -13.08 -7.52 6.48
C THR F 38 -13.07 -6.01 6.68
N LEU F 39 -13.52 -5.56 7.86
CA LEU F 39 -13.51 -4.14 8.17
C LEU F 39 -12.06 -3.65 8.21
N GLU F 40 -11.15 -4.50 8.68
CA GLU F 40 -9.73 -4.14 8.76
C GLU F 40 -9.17 -3.90 7.36
N PHE F 41 -9.56 -4.76 6.42
CA PHE F 41 -9.15 -4.66 5.03
C PHE F 41 -9.55 -3.28 4.48
N LEU F 42 -10.81 -2.90 4.72
CA LEU F 42 -11.31 -1.60 4.25
C LEU F 42 -10.67 -0.45 5.04
N GLY F 43 -10.56 -0.64 6.36
CA GLY F 43 -9.98 0.38 7.23
C GLY F 43 -8.56 0.78 6.88
N ASP F 44 -7.76 -0.18 6.46
CA ASP F 44 -6.39 0.09 6.06
C ASP F 44 -6.38 1.10 4.91
N ALA F 45 -7.21 0.86 3.90
CA ALA F 45 -7.26 1.74 2.75
C ALA F 45 -7.83 3.11 3.12
N LEU F 46 -8.84 3.12 3.98
CA LEU F 46 -9.46 4.36 4.42
C LEU F 46 -8.51 5.24 5.22
N VAL F 47 -7.93 4.67 6.27
CA VAL F 47 -7.01 5.44 7.11
C VAL F 47 -5.76 5.86 6.34
N ASN F 48 -5.25 4.98 5.48
CA ASN F 48 -4.08 5.35 4.69
C ASN F 48 -4.40 6.61 3.90
N PHE F 49 -5.60 6.65 3.32
CA PHE F 49 -6.03 7.83 2.58
C PHE F 49 -6.08 9.06 3.49
N PHE F 50 -6.66 8.91 4.69
CA PHE F 50 -6.75 10.06 5.61
C PHE F 50 -5.37 10.64 5.89
N ILE F 51 -4.40 9.76 6.15
CA ILE F 51 -3.06 10.19 6.48
C ILE F 51 -2.35 10.83 5.29
N VAL F 52 -2.42 10.18 4.13
CA VAL F 52 -1.78 10.74 2.94
C VAL F 52 -2.37 12.10 2.59
N ASP F 53 -3.69 12.26 2.73
CA ASP F 53 -4.32 13.53 2.41
C ASP F 53 -3.82 14.62 3.36
N LEU F 54 -3.70 14.27 4.63
CA LEU F 54 -3.22 15.22 5.64
C LEU F 54 -1.81 15.66 5.30
N LEU F 55 -0.95 14.70 4.93
CA LEU F 55 0.43 15.04 4.57
C LEU F 55 0.51 16.00 3.40
N VAL F 56 -0.24 15.71 2.34
CA VAL F 56 -0.23 16.54 1.15
C VAL F 56 -0.83 17.92 1.44
N GLN F 57 -1.89 17.95 2.24
CA GLN F 57 -2.55 19.21 2.57
C GLN F 57 -1.58 20.20 3.24
N TYR F 58 -0.74 19.70 4.14
CA TYR F 58 0.19 20.59 4.83
C TYR F 58 1.59 20.72 4.23
N SER F 59 1.77 20.13 3.05
CA SER F 59 3.04 20.20 2.32
C SER F 59 2.70 19.97 0.85
N PRO F 60 1.78 20.77 0.29
CA PRO F 60 1.36 20.67 -1.12
C PRO F 60 2.48 20.73 -2.15
N ASN F 61 3.57 21.40 -1.80
CA ASN F 61 4.68 21.56 -2.73
C ASN F 61 5.86 20.62 -2.46
N LYS F 62 5.66 19.65 -1.57
CA LYS F 62 6.71 18.69 -1.25
C LYS F 62 6.58 17.44 -2.11
N ARG F 63 7.74 16.89 -2.50
CA ARG F 63 7.76 15.71 -3.35
C ARG F 63 7.45 14.41 -2.60
N GLU F 64 7.19 13.37 -3.38
CA GLU F 64 6.85 12.05 -2.86
C GLU F 64 8.01 11.48 -2.03
N GLY F 65 9.23 11.88 -2.36
CA GLY F 65 10.41 11.40 -1.64
C GLY F 65 10.51 11.97 -0.24
N PHE F 66 9.81 13.08 0.00
CA PHE F 66 9.82 13.69 1.32
C PHE F 66 8.62 13.18 2.12
N LEU F 67 7.46 13.13 1.47
CA LEU F 67 6.23 12.70 2.12
C LEU F 67 6.07 11.20 2.34
N SER F 68 6.58 10.38 1.43
CA SER F 68 6.39 8.94 1.61
C SER F 68 7.09 8.35 2.83
N PRO F 69 8.30 8.83 3.17
CA PRO F 69 8.96 8.27 4.35
C PRO F 69 8.14 8.57 5.59
N LEU F 70 7.48 9.73 5.61
CA LEU F 70 6.64 10.10 6.75
C LEU F 70 5.42 9.17 6.75
N LYS F 71 4.80 9.00 5.60
CA LYS F 71 3.63 8.14 5.46
C LYS F 71 3.96 6.73 5.94
N ALA F 72 5.13 6.22 5.54
CA ALA F 72 5.56 4.87 5.88
C ALA F 72 5.50 4.60 7.38
N TYR F 73 5.79 5.62 8.20
CA TYR F 73 5.74 5.47 9.64
C TYR F 73 4.33 5.71 10.16
N LEU F 74 3.70 6.77 9.65
CA LEU F 74 2.36 7.16 10.10
C LEU F 74 1.23 6.18 9.80
N ILE F 75 1.43 5.27 8.86
CA ILE F 75 0.39 4.28 8.58
C ILE F 75 0.82 2.92 9.12
N SER F 76 1.91 2.90 9.87
CA SER F 76 2.43 1.65 10.42
C SER F 76 1.68 1.19 11.65
N GLU F 77 1.76 -0.11 11.90
CA GLU F 77 1.11 -0.73 13.06
C GLU F 77 1.59 -0.04 14.32
N GLU F 78 2.89 0.25 14.38
CA GLU F 78 3.45 0.90 15.54
C GLU F 78 2.76 2.24 15.83
N PHE F 79 2.63 3.09 14.82
CA PHE F 79 2.01 4.38 15.04
C PHE F 79 0.53 4.22 15.39
N PHE F 80 -0.15 3.28 14.74
CA PHE F 80 -1.57 3.06 15.04
C PHE F 80 -1.76 2.67 16.50
N ASN F 81 -0.79 1.94 17.06
CA ASN F 81 -0.89 1.53 18.46
C ASN F 81 -0.81 2.78 19.34
N LEU F 82 0.00 3.75 18.94
CA LEU F 82 0.12 4.98 19.71
C LEU F 82 -1.17 5.77 19.64
N LEU F 83 -1.78 5.85 18.46
CA LEU F 83 -3.04 6.59 18.33
C LEU F 83 -4.15 5.87 19.08
N ALA F 84 -4.12 4.55 19.07
CA ALA F 84 -5.14 3.75 19.75
C ALA F 84 -5.14 3.95 21.26
N GLN F 85 -3.98 4.26 21.83
CA GLN F 85 -3.87 4.47 23.26
C GLN F 85 -4.84 5.56 23.72
N LYS F 86 -4.98 6.58 22.89
CA LYS F 86 -5.87 7.70 23.18
C LYS F 86 -7.30 7.23 23.35
N LEU F 87 -7.60 6.05 22.81
CA LEU F 87 -8.95 5.49 22.89
C LEU F 87 -9.00 4.32 23.89
N GLU F 88 -7.87 4.01 24.50
CA GLU F 88 -7.80 2.89 25.44
C GLU F 88 -8.44 1.70 24.74
N LEU F 89 -8.24 1.65 23.43
CA LEU F 89 -8.82 0.63 22.59
C LEU F 89 -8.67 -0.80 23.14
N HIS F 90 -7.52 -1.09 23.74
CA HIS F 90 -7.26 -2.42 24.28
C HIS F 90 -8.33 -2.91 25.26
N LYS F 91 -8.97 -2.00 25.98
CA LYS F 91 -9.99 -2.36 26.97
C LYS F 91 -11.35 -2.73 26.37
N PHE F 92 -11.51 -2.53 25.07
CA PHE F 92 -12.79 -2.82 24.42
C PHE F 92 -12.74 -4.00 23.46
N ILE F 93 -11.54 -4.49 23.18
CA ILE F 93 -11.37 -5.60 22.27
C ILE F 93 -11.89 -6.93 22.83
N ARG F 94 -12.69 -7.63 22.03
CA ARG F 94 -13.25 -8.90 22.44
C ARG F 94 -12.37 -10.03 21.93
N ILE F 95 -11.59 -10.59 22.85
CA ILE F 95 -10.67 -11.67 22.54
C ILE F 95 -10.26 -12.25 23.90
N LYS F 96 -9.82 -13.51 23.90
CA LYS F 96 -9.42 -14.17 25.13
C LYS F 96 -8.44 -13.30 25.93
N ARG F 97 -8.64 -13.27 27.24
CA ARG F 97 -7.79 -12.48 28.13
C ARG F 97 -6.32 -12.84 27.96
N GLY F 98 -5.48 -11.82 27.78
CA GLY F 98 -4.06 -12.06 27.61
C GLY F 98 -3.61 -12.37 26.19
N LYS F 99 -4.54 -12.35 25.25
CA LYS F 99 -4.20 -12.66 23.86
C LYS F 99 -3.96 -11.41 23.03
N ILE F 100 -4.24 -10.25 23.61
CA ILE F 100 -4.06 -8.99 22.89
C ILE F 100 -2.59 -8.60 22.75
N ASN F 101 -2.22 -8.19 21.55
CA ASN F 101 -0.86 -7.74 21.27
C ASN F 101 -0.93 -6.56 20.30
N GLU F 102 0.23 -6.03 19.90
CA GLU F 102 0.28 -4.88 19.00
C GLU F 102 -0.38 -5.13 17.65
N THR F 103 -0.28 -6.35 17.15
CA THR F 103 -0.86 -6.69 15.87
C THR F 103 -2.38 -6.54 15.94
N ILE F 104 -2.97 -7.10 17.00
CA ILE F 104 -4.41 -7.06 17.19
C ILE F 104 -4.90 -5.62 17.35
N ILE F 105 -4.22 -4.85 18.19
CA ILE F 105 -4.60 -3.46 18.42
C ILE F 105 -4.55 -2.66 17.11
N GLY F 106 -3.52 -2.88 16.32
CA GLY F 106 -3.39 -2.17 15.06
C GLY F 106 -4.49 -2.54 14.09
N ASP F 107 -4.87 -3.82 14.08
CA ASP F 107 -5.92 -4.28 13.18
C ASP F 107 -7.29 -3.72 13.61
N VAL F 108 -7.55 -3.72 14.90
CA VAL F 108 -8.83 -3.21 15.40
C VAL F 108 -8.93 -1.71 15.13
N PHE F 109 -7.82 -0.99 15.24
CA PHE F 109 -7.82 0.45 14.99
C PHE F 109 -8.31 0.70 13.56
N GLU F 110 -7.78 -0.04 12.61
CA GLU F 110 -8.19 0.13 11.21
C GLU F 110 -9.66 -0.25 11.04
N ALA F 111 -10.05 -1.38 11.62
CA ALA F 111 -11.43 -1.86 11.52
C ALA F 111 -12.42 -0.86 12.13
N LEU F 112 -12.05 -0.25 13.24
CA LEU F 112 -12.91 0.70 13.90
C LEU F 112 -13.26 1.87 12.97
N TRP F 113 -12.28 2.34 12.21
CA TRP F 113 -12.56 3.44 11.30
C TRP F 113 -13.41 3.04 10.12
N ALA F 114 -13.25 1.80 9.66
CA ALA F 114 -14.07 1.32 8.56
C ALA F 114 -15.51 1.21 9.09
N ALA F 115 -15.64 0.85 10.36
CA ALA F 115 -16.96 0.71 10.98
C ALA F 115 -17.68 2.05 11.06
N VAL F 116 -16.95 3.10 11.43
CA VAL F 116 -17.54 4.44 11.52
C VAL F 116 -17.95 4.85 10.11
N TYR F 117 -17.06 4.61 9.15
CA TYR F 117 -17.31 4.97 7.77
C TYR F 117 -18.60 4.31 7.27
N ILE F 118 -18.73 3.01 7.48
CA ILE F 118 -19.92 2.31 7.02
C ILE F 118 -21.17 2.74 7.78
N ASP F 119 -21.07 2.81 9.11
CA ASP F 119 -22.21 3.20 9.94
C ASP F 119 -22.73 4.59 9.62
N SER F 120 -21.85 5.49 9.19
CA SER F 120 -22.25 6.86 8.87
C SER F 120 -22.90 6.93 7.50
N GLY F 121 -23.08 5.78 6.86
CA GLY F 121 -23.67 5.73 5.54
C GLY F 121 -22.61 5.94 4.47
N ARG F 122 -21.40 5.48 4.78
CA ARG F 122 -20.25 5.63 3.88
C ARG F 122 -19.98 7.09 3.56
N ASP F 123 -19.98 7.91 4.61
CA ASP F 123 -19.69 9.33 4.47
C ASP F 123 -18.19 9.45 4.74
N ALA F 124 -17.40 9.44 3.66
CA ALA F 124 -15.95 9.54 3.80
C ALA F 124 -15.51 10.90 4.33
N ASN F 125 -16.21 11.96 3.93
CA ASN F 125 -15.88 13.31 4.38
C ASN F 125 -16.04 13.43 5.88
N PHE F 126 -17.19 12.98 6.38
CA PHE F 126 -17.47 13.03 7.81
C PHE F 126 -16.46 12.19 8.59
N THR F 127 -16.25 10.95 8.14
CA THR F 127 -15.33 10.07 8.84
C THR F 127 -13.91 10.63 8.84
N ARG F 128 -13.52 11.25 7.73
CA ARG F 128 -12.18 11.85 7.63
C ARG F 128 -12.03 12.94 8.70
N GLU F 129 -13.04 13.81 8.80
CA GLU F 129 -12.98 14.89 9.78
C GLU F 129 -13.05 14.40 11.22
N LEU F 130 -13.74 13.29 11.47
CA LEU F 130 -13.82 12.74 12.82
C LEU F 130 -12.42 12.24 13.20
N PHE F 131 -11.76 11.61 12.22
CA PHE F 131 -10.42 11.09 12.42
C PHE F 131 -9.47 12.27 12.73
N TYR F 132 -9.60 13.35 11.96
CA TYR F 132 -8.74 14.51 12.18
C TYR F 132 -9.03 15.19 13.52
N LYS F 133 -10.30 15.25 13.90
CA LYS F 133 -10.66 15.88 15.17
C LYS F 133 -9.88 15.19 16.28
N LEU F 134 -9.74 13.89 16.17
CA LEU F 134 -9.04 13.11 17.18
C LEU F 134 -7.52 13.04 17.02
N PHE F 135 -7.06 12.93 15.77
CA PHE F 135 -5.63 12.71 15.55
C PHE F 135 -4.80 13.68 14.70
N LYS F 136 -5.44 14.65 14.05
CA LYS F 136 -4.70 15.58 13.21
C LYS F 136 -3.52 16.26 13.91
N GLU F 137 -3.76 16.85 15.07
CA GLU F 137 -2.68 17.52 15.78
C GLU F 137 -1.60 16.54 16.22
N ASP F 138 -2.00 15.35 16.64
CA ASP F 138 -1.04 14.33 17.05
C ASP F 138 -0.11 13.98 15.90
N ILE F 139 -0.67 13.85 14.71
CA ILE F 139 0.12 13.52 13.53
C ILE F 139 1.04 14.64 13.09
N LEU F 140 0.51 15.86 12.99
CA LEU F 140 1.33 16.99 12.56
C LEU F 140 2.42 17.31 13.58
N SER F 141 2.13 17.13 14.86
CA SER F 141 3.13 17.42 15.88
C SER F 141 4.25 16.38 15.80
N ALA F 142 3.89 15.12 15.59
CA ALA F 142 4.89 14.06 15.49
C ALA F 142 5.87 14.38 14.37
N ILE F 143 5.35 14.86 13.24
CA ILE F 143 6.18 15.19 12.08
C ILE F 143 7.11 16.37 12.37
N LYS F 144 6.53 17.46 12.84
CA LYS F 144 7.30 18.67 13.12
C LYS F 144 8.39 18.47 14.16
N GLU F 145 8.12 17.62 15.14
CA GLU F 145 9.07 17.37 16.22
C GLU F 145 10.09 16.27 15.94
N GLY F 146 9.97 15.63 14.79
CA GLY F 146 10.88 14.57 14.44
C GLY F 146 10.62 13.27 15.18
N ARG F 147 9.40 13.13 15.70
CA ARG F 147 9.03 11.91 16.41
C ARG F 147 8.48 10.89 15.41
N VAL F 148 9.35 10.55 14.46
CA VAL F 148 9.05 9.60 13.41
C VAL F 148 10.18 8.57 13.43
N LYS F 149 9.80 7.29 13.48
CA LYS F 149 10.79 6.22 13.52
C LYS F 149 11.71 6.28 12.30
N LYS F 150 13.02 6.28 12.55
CA LYS F 150 13.99 6.31 11.46
C LYS F 150 14.20 4.90 10.92
N ASP F 151 14.45 4.81 9.62
CA ASP F 151 14.67 3.54 8.95
C ASP F 151 16.19 3.34 8.90
N TYR F 152 16.75 2.76 9.95
CA TYR F 152 18.19 2.56 10.04
C TYR F 152 18.82 1.67 8.97
N LYS F 153 18.11 0.62 8.55
CA LYS F 153 18.68 -0.25 7.53
C LYS F 153 18.85 0.50 6.21
N THR F 154 17.85 1.30 5.84
CA THR F 154 17.94 2.06 4.61
C THR F 154 18.97 3.18 4.72
N ILE F 155 18.94 3.90 5.84
CA ILE F 155 19.89 4.97 6.06
C ILE F 155 21.33 4.43 5.98
N LEU F 156 21.56 3.30 6.64
CA LEU F 156 22.89 2.69 6.63
C LEU F 156 23.38 2.34 5.23
N GLN F 157 22.55 1.69 4.41
CA GLN F 157 23.05 1.34 3.08
C GLN F 157 23.26 2.56 2.20
N GLU F 158 22.58 3.67 2.51
CA GLU F 158 22.80 4.87 1.71
C GLU F 158 24.15 5.47 2.12
N ILE F 159 24.51 5.32 3.39
CA ILE F 159 25.79 5.83 3.86
C ILE F 159 26.92 5.00 3.24
N THR F 160 26.80 3.68 3.30
CA THR F 160 27.84 2.81 2.74
C THR F 160 27.89 2.84 1.22
N GLN F 161 26.75 3.02 0.56
CA GLN F 161 26.75 3.05 -0.90
C GLN F 161 27.34 4.37 -1.41
N LYS F 162 27.18 5.44 -0.66
CA LYS F 162 27.73 6.72 -1.07
C LYS F 162 29.24 6.72 -0.87
N ARG F 163 29.68 6.16 0.24
CA ARG F 163 31.10 6.11 0.57
C ARG F 163 31.90 5.04 -0.18
N TRP F 164 31.35 3.83 -0.28
CA TRP F 164 32.05 2.73 -0.93
C TRP F 164 31.31 2.02 -2.07
N LYS F 165 30.11 2.48 -2.40
CA LYS F 165 29.31 1.86 -3.45
C LYS F 165 29.11 0.39 -3.11
N GLU F 166 28.95 0.12 -1.82
CA GLU F 166 28.74 -1.22 -1.32
C GLU F 166 27.63 -1.21 -0.28
N ARG F 167 26.98 -2.35 -0.11
CA ARG F 167 25.91 -2.47 0.87
C ARG F 167 26.40 -3.29 2.05
N PRO F 168 25.82 -3.04 3.24
CA PRO F 168 26.23 -3.80 4.44
C PRO F 168 25.74 -5.23 4.36
N GLU F 169 26.32 -6.09 5.20
CA GLU F 169 25.92 -7.48 5.24
C GLU F 169 25.46 -7.82 6.65
N TYR F 170 24.50 -8.72 6.74
CA TYR F 170 23.96 -9.15 8.03
C TYR F 170 24.04 -10.65 8.14
N ARG F 171 24.35 -11.14 9.34
CA ARG F 171 24.39 -12.57 9.56
C ARG F 171 23.89 -12.88 10.95
N LEU F 172 23.33 -14.07 11.11
CA LEU F 172 22.79 -14.50 12.39
C LEU F 172 23.93 -14.98 13.29
N ILE F 173 23.94 -14.50 14.53
CA ILE F 173 24.97 -14.92 15.49
C ILE F 173 24.41 -15.97 16.43
N SER F 174 23.19 -15.75 16.91
CA SER F 174 22.56 -16.70 17.80
C SER F 174 21.05 -16.52 17.89
N VAL F 175 20.37 -17.59 18.26
CA VAL F 175 18.93 -17.60 18.43
C VAL F 175 18.62 -18.43 19.68
N GLU F 176 17.79 -17.89 20.57
CA GLU F 176 17.46 -18.62 21.79
C GLU F 176 16.01 -18.43 22.19
N GLY F 177 15.59 -19.18 23.21
CA GLY F 177 14.22 -19.10 23.70
C GLY F 177 13.28 -20.04 22.98
N PRO F 178 12.02 -20.17 23.43
CA PRO F 178 11.04 -21.04 22.80
C PRO F 178 10.86 -20.62 21.34
N HIS F 179 10.46 -21.54 20.47
CA HIS F 179 10.28 -21.23 19.06
C HIS F 179 9.22 -20.15 18.80
N HIS F 180 8.24 -20.05 19.69
CA HIS F 180 7.19 -19.05 19.52
C HIS F 180 7.53 -17.77 20.27
N LYS F 181 8.74 -17.71 20.83
CA LYS F 181 9.20 -16.54 21.56
C LYS F 181 10.71 -16.43 21.43
N LYS F 182 11.20 -16.54 20.20
CA LYS F 182 12.64 -16.47 19.94
C LYS F 182 13.24 -15.10 20.10
N LYS F 183 14.54 -15.08 20.39
CA LYS F 183 15.29 -13.84 20.54
C LYS F 183 16.48 -14.01 19.60
N PHE F 184 16.65 -13.08 18.67
CA PHE F 184 17.74 -13.16 17.71
C PHE F 184 18.84 -12.15 17.98
N ILE F 185 20.07 -12.56 17.70
CA ILE F 185 21.22 -11.66 17.84
C ILE F 185 21.87 -11.74 16.47
N VAL F 186 22.00 -10.59 15.81
CA VAL F 186 22.58 -10.53 14.48
C VAL F 186 23.76 -9.55 14.45
N GLU F 187 24.58 -9.70 13.42
CA GLU F 187 25.74 -8.85 13.25
C GLU F 187 25.64 -8.09 11.94
N ALA F 188 25.89 -6.78 11.98
CA ALA F 188 25.86 -5.96 10.79
C ALA F 188 27.31 -5.64 10.47
N LYS F 189 27.67 -5.61 9.19
CA LYS F 189 29.05 -5.30 8.83
C LYS F 189 29.22 -4.53 7.52
N ILE F 190 30.26 -3.70 7.49
CA ILE F 190 30.62 -2.95 6.29
C ILE F 190 32.12 -2.72 6.45
N LYS F 191 32.88 -3.11 5.43
CA LYS F 191 34.34 -2.99 5.49
C LYS F 191 34.81 -3.71 6.76
N GLU F 192 35.60 -3.04 7.59
CA GLU F 192 36.09 -3.68 8.81
C GLU F 192 35.27 -3.36 10.06
N TYR F 193 34.12 -2.69 9.88
CA TYR F 193 33.26 -2.32 11.00
C TYR F 193 32.15 -3.34 11.22
N ARG F 194 31.98 -3.78 12.45
CA ARG F 194 30.93 -4.75 12.78
C ARG F 194 30.24 -4.38 14.08
N THR F 195 28.93 -4.63 14.12
CA THR F 195 28.14 -4.34 15.31
C THR F 195 27.08 -5.43 15.53
N LEU F 196 26.53 -5.48 16.73
CA LEU F 196 25.50 -6.46 17.05
C LEU F 196 24.17 -5.80 17.36
N GLY F 197 23.10 -6.57 17.19
CA GLY F 197 21.77 -6.09 17.47
C GLY F 197 20.91 -7.27 17.87
N GLU F 198 19.90 -7.03 18.71
CA GLU F 198 19.02 -8.11 19.13
C GLU F 198 17.56 -7.72 18.93
N GLY F 199 16.69 -8.71 18.80
CA GLY F 199 15.28 -8.44 18.60
C GLY F 199 14.43 -9.70 18.56
N LYS F 200 13.12 -9.52 18.39
CA LYS F 200 12.18 -10.64 18.34
C LYS F 200 12.03 -11.22 16.94
N SER F 201 12.72 -10.62 15.97
CA SER F 201 12.71 -11.10 14.60
C SER F 201 14.07 -10.73 14.03
N LYS F 202 14.46 -11.38 12.93
CA LYS F 202 15.75 -11.06 12.32
C LYS F 202 15.77 -9.61 11.87
N LYS F 203 14.67 -9.17 11.26
CA LYS F 203 14.62 -7.79 10.78
C LYS F 203 14.80 -6.79 11.90
N GLU F 204 14.12 -7.01 13.01
CA GLU F 204 14.22 -6.10 14.14
C GLU F 204 15.67 -6.07 14.66
N ALA F 205 16.29 -7.23 14.76
CA ALA F 205 17.66 -7.30 15.22
C ALA F 205 18.59 -6.58 14.26
N GLU F 206 18.32 -6.70 12.96
CA GLU F 206 19.13 -6.06 11.95
C GLU F 206 18.97 -4.55 12.03
N GLN F 207 17.76 -4.09 12.33
CA GLN F 207 17.54 -2.66 12.45
C GLN F 207 18.37 -2.11 13.62
N ARG F 208 18.40 -2.86 14.72
CA ARG F 208 19.18 -2.43 15.87
C ARG F 208 20.69 -2.48 15.56
N ALA F 209 21.12 -3.52 14.86
CA ALA F 209 22.52 -3.64 14.51
C ALA F 209 22.92 -2.51 13.55
N ALA F 210 22.00 -2.16 12.64
CA ALA F 210 22.26 -1.10 11.67
C ALA F 210 22.40 0.25 12.37
N GLU F 211 21.53 0.50 13.35
CA GLU F 211 21.59 1.75 14.10
C GLU F 211 22.94 1.88 14.79
N GLU F 212 23.41 0.80 15.41
CA GLU F 212 24.70 0.81 16.09
C GLU F 212 25.84 1.02 15.10
N LEU F 213 25.72 0.42 13.92
CA LEU F 213 26.77 0.55 12.91
C LEU F 213 26.83 1.98 12.38
N ILE F 214 25.68 2.64 12.24
CA ILE F 214 25.69 4.01 11.77
C ILE F 214 26.48 4.84 12.78
N LYS F 215 26.25 4.59 14.06
CA LYS F 215 26.96 5.33 15.11
C LYS F 215 28.45 5.05 15.06
N LEU F 216 28.81 3.79 14.86
CA LEU F 216 30.21 3.39 14.79
C LEU F 216 30.91 4.13 13.66
N LEU F 217 30.24 4.23 12.51
CA LEU F 217 30.83 4.92 11.36
C LEU F 217 30.99 6.41 11.64
N GLU F 218 29.98 7.03 12.23
CA GLU F 218 30.05 8.46 12.54
C GLU F 218 31.15 8.76 13.57
N GLU F 219 31.34 7.83 14.52
CA GLU F 219 32.35 8.01 15.54
C GLU F 219 33.75 7.65 15.03
N SER F 220 33.82 7.23 13.77
CA SER F 220 35.09 6.86 13.17
C SER F 220 35.58 7.89 12.16
MG MG G . 14.96 4.11 -12.19
MG MG H . 7.26 -6.29 2.99
MG MG I . 6.72 3.72 -7.79
MG MG J . 1.95 -16.80 10.85
MG MG K . 7.63 -4.92 -4.54
MG MG L . -0.71 -8.38 7.04
MG MG M . -1.45 -28.45 16.66
MG MG N . -0.91 3.15 -7.20
MG MG O . 1.46 6.13 -8.14
MG MG P . 2.55 4.43 -11.11
MG MG Q . 5.50 9.50 -9.12
MG MG R . 14.44 -11.26 -9.42
MG MG S . -20.65 18.32 -12.69
MG MG T . -2.47 -0.91 7.40
MG MG U . -4.64 -4.15 8.23
MG MG V . -2.22 -5.03 10.89
MG MG W . -6.53 -9.00 9.21
MG MG X . 15.62 -11.46 6.49
MG MG Y . 20.50 -13.81 8.44
#